data_8AV0
#
_entry.id   8AV0
#
_cell.length_a   81.879
_cell.length_b   112.286
_cell.length_c   62.865
_cell.angle_alpha   90.000
_cell.angle_beta   90.000
_cell.angle_gamma   90.000
#
_symmetry.space_group_name_H-M   'C 2 2 21'
#
loop_
_entity.id
_entity.type
_entity.pdbx_description
1 polymer '14-3-3 protein sigma'
2 polymer 'RAF proto-oncogene serine/threonine-protein kinase'
3 non-polymer 'CHLORIDE ION'
4 non-polymer 'MAGNESIUM ION'
5 non-polymer 1-[2-(4-chloranylphenoxy)-2-methyl-propanoyl]-~{N}-[2-[2-(dimethylamino)ethyldisulfanyl]ethyl]piperidine-4-carboxamide
6 water water
#
loop_
_entity_poly.entity_id
_entity_poly.type
_entity_poly.pdbx_seq_one_letter_code
_entity_poly.pdbx_strand_id
1 'polypeptide(L)'
;GAMGSMERASLIQKAKLAEQAERYEDMAAFMKGAVEKGEELSCEERNLLSVAYKNVVGGQRAAWRVLSSIEQKSNEEGSE
EKGPEVREYREKVETELQGVCDTVLGLLDSHLIKEAGDAESRVFYLKMKGDYYRYLAEVATGDDKKRIIDSARSAYQEAM
DISKKEMPPTNPIRLGLALNFSVFHYEIANSPEEAISLAKTTFDEAMADLHTLSEDSYKDSTLIMQLLRDNLTLWT
;
A
2 'polypeptide(L)' RST(SEP)TPNVA P
#
loop_
_chem_comp.id
_chem_comp.type
_chem_comp.name
_chem_comp.formula
CL non-polymer 'CHLORIDE ION' 'Cl -1'
MG non-polymer 'MAGNESIUM ION' 'Mg 2'
O6C non-polymer 1-[2-(4-chloranylphenoxy)-2-methyl-propanoyl]-~{N}-[2-[2-(dimethylamino)ethyldisulfanyl]ethyl]piperidine-4-carboxamide 'C22 H34 Cl N3 O3 S2'
#
# COMPACT_ATOMS: atom_id res chain seq x y z
N GLY A 1 -22.81 6.09 -3.64
CA GLY A 1 -23.37 7.45 -3.64
C GLY A 1 -23.28 8.05 -5.02
N ALA A 2 -22.33 8.98 -5.21
CA ALA A 2 -22.38 9.88 -6.35
C ALA A 2 -22.14 9.16 -7.68
N MET A 3 -21.47 8.01 -7.66
CA MET A 3 -21.25 7.23 -8.87
C MET A 3 -22.29 6.15 -9.13
N GLY A 4 -23.33 6.07 -8.32
CA GLY A 4 -24.31 5.02 -8.46
C GLY A 4 -25.05 5.04 -9.79
N SER A 5 -25.15 6.22 -10.41
CA SER A 5 -25.91 6.33 -11.66
C SER A 5 -25.04 6.07 -12.89
N MET A 6 -23.73 5.85 -12.75
CA MET A 6 -22.86 5.73 -13.89
C MET A 6 -22.57 4.23 -14.14
N GLU A 7 -22.59 3.84 -15.40
CA GLU A 7 -22.26 2.47 -15.78
C GLU A 7 -20.89 2.06 -15.28
N ARG A 8 -20.77 0.80 -14.88
CA ARG A 8 -19.48 0.26 -14.48
C ARG A 8 -18.41 0.54 -15.54
N ALA A 9 -18.72 0.21 -16.81
CA ALA A 9 -17.71 0.34 -17.86
C ALA A 9 -17.29 1.79 -18.03
N SER A 10 -18.24 2.71 -17.86
CA SER A 10 -17.95 4.14 -17.98
C SER A 10 -17.07 4.61 -16.84
N LEU A 11 -17.31 4.10 -15.63
CA LEU A 11 -16.43 4.39 -14.50
C LEU A 11 -15.00 3.94 -14.76
N ILE A 12 -14.83 2.72 -15.28
CA ILE A 12 -13.50 2.21 -15.60
C ILE A 12 -12.83 3.06 -16.69
N GLN A 13 -13.58 3.38 -17.75
CA GLN A 13 -13.05 4.25 -18.80
C GLN A 13 -12.59 5.59 -18.24
N LYS A 14 -13.40 6.20 -17.37
CA LYS A 14 -13.06 7.49 -16.79
C LYS A 14 -11.91 7.39 -15.81
N ALA A 15 -11.80 6.28 -15.08
CA ALA A 15 -10.61 6.06 -14.26
C ALA A 15 -9.34 6.12 -15.11
N LYS A 16 -9.37 5.47 -16.28
CA LYS A 16 -8.20 5.48 -17.15
C LYS A 16 -7.91 6.88 -17.67
N LEU A 17 -8.95 7.64 -18.01
CA LEU A 17 -8.74 9.03 -18.43
C LEU A 17 -8.17 9.86 -17.28
N ALA A 18 -8.71 9.69 -16.08
CA ALA A 18 -8.21 10.42 -14.92
C ALA A 18 -6.73 10.11 -14.67
N GLU A 19 -6.34 8.85 -14.86
CA GLU A 19 -4.93 8.50 -14.73
C GLU A 19 -4.08 9.27 -15.74
N GLN A 20 -4.51 9.32 -17.00
CA GLN A 20 -3.75 10.06 -18.01
C GLN A 20 -3.66 11.54 -17.67
N ALA A 21 -4.71 12.09 -17.08
CA ALA A 21 -4.76 13.49 -16.69
C ALA A 21 -4.12 13.75 -15.33
N GLU A 22 -3.60 12.72 -14.66
CA GLU A 22 -3.00 12.85 -13.32
C GLU A 22 -3.99 13.42 -12.32
N ARG A 23 -5.25 13.02 -12.46
CA ARG A 23 -6.36 13.41 -11.59
C ARG A 23 -6.69 12.23 -10.68
N TYR A 24 -5.83 12.02 -9.69
CA TYR A 24 -5.92 10.78 -8.92
C TYR A 24 -7.08 10.75 -7.95
N GLU A 25 -7.50 11.89 -7.42
CA GLU A 25 -8.69 11.89 -6.57
C GLU A 25 -9.91 11.49 -7.40
N ASP A 26 -10.04 12.04 -8.60
CA ASP A 26 -11.11 11.59 -9.48
C ASP A 26 -10.99 10.10 -9.78
N MET A 27 -9.79 9.65 -10.08
CA MET A 27 -9.57 8.25 -10.40
C MET A 27 -10.03 7.36 -9.27
N ALA A 28 -9.70 7.73 -8.05
CA ALA A 28 -10.11 6.94 -6.90
C ALA A 28 -11.63 6.93 -6.75
N ALA A 29 -12.27 8.08 -6.93
CA ALA A 29 -13.73 8.13 -6.86
C ALA A 29 -14.37 7.24 -7.92
N PHE A 30 -13.85 7.26 -9.15
CA PHE A 30 -14.37 6.39 -10.19
C PHE A 30 -14.21 4.92 -9.82
N MET A 31 -13.03 4.56 -9.33
CA MET A 31 -12.78 3.16 -8.98
C MET A 31 -13.57 2.71 -7.76
N LYS A 32 -13.76 3.57 -6.78
CA LYS A 32 -14.68 3.26 -5.69
C LYS A 32 -16.06 2.96 -6.21
N GLY A 33 -16.54 3.80 -7.14
CA GLY A 33 -17.84 3.56 -7.76
C GLY A 33 -17.88 2.23 -8.47
N ALA A 34 -16.80 1.88 -9.18
CA ALA A 34 -16.76 0.60 -9.86
C ALA A 34 -16.81 -0.56 -8.89
N VAL A 35 -16.04 -0.48 -7.80
CA VAL A 35 -16.07 -1.55 -6.80
C VAL A 35 -17.47 -1.72 -6.24
N GLU A 36 -18.16 -0.59 -5.98
CA GLU A 36 -19.46 -0.64 -5.35
C GLU A 36 -20.54 -1.19 -6.27
N LYS A 37 -20.23 -1.43 -7.54
CA LYS A 37 -21.17 -2.13 -8.40
C LYS A 37 -21.33 -3.59 -7.97
N GLY A 38 -20.40 -4.12 -7.19
CA GLY A 38 -20.56 -5.40 -6.57
C GLY A 38 -19.94 -6.57 -7.31
N GLU A 39 -19.44 -6.35 -8.52
CA GLU A 39 -18.77 -7.40 -9.27
C GLU A 39 -17.31 -7.48 -8.87
N GLU A 40 -16.73 -8.68 -8.98
CA GLU A 40 -15.30 -8.86 -8.81
C GLU A 40 -14.53 -7.96 -9.82
N LEU A 41 -13.27 -7.63 -9.51
CA LEU A 41 -12.42 -6.84 -10.40
C LEU A 41 -11.42 -7.73 -11.15
N SER A 42 -11.19 -7.38 -12.42
CA SER A 42 -10.14 -7.98 -13.21
C SER A 42 -8.78 -7.52 -12.74
N CYS A 43 -7.72 -8.17 -13.24
CA CYS A 43 -6.37 -7.73 -12.92
C CYS A 43 -6.16 -6.25 -13.24
N GLU A 44 -6.52 -5.83 -14.45
CA GLU A 44 -6.34 -4.44 -14.84
C GLU A 44 -7.11 -3.52 -13.92
N GLU A 45 -8.33 -3.92 -13.55
CA GLU A 45 -9.14 -3.08 -12.68
C GLU A 45 -8.56 -3.00 -11.27
N ARG A 46 -8.01 -4.11 -10.76
CA ARG A 46 -7.35 -4.06 -9.46
C ARG A 46 -6.18 -3.09 -9.50
N ASN A 47 -5.42 -3.10 -10.59
CA ASN A 47 -4.33 -2.17 -10.74
C ASN A 47 -4.80 -0.71 -10.76
N LEU A 48 -5.92 -0.44 -11.44
CA LEU A 48 -6.45 0.92 -11.45
C LEU A 48 -6.86 1.36 -10.04
N LEU A 49 -7.53 0.49 -9.30
CA LEU A 49 -7.91 0.81 -7.93
C LEU A 49 -6.69 1.14 -7.08
N SER A 50 -5.64 0.32 -7.22
CA SER A 50 -4.43 0.51 -6.44
C SER A 50 -3.70 1.80 -6.82
N VAL A 51 -3.53 2.04 -8.12
CA VAL A 51 -2.84 3.24 -8.57
C VAL A 51 -3.55 4.48 -8.06
N ALA A 52 -4.87 4.50 -8.14
CA ALA A 52 -5.61 5.68 -7.72
C ALA A 52 -5.39 5.99 -6.25
N TYR A 53 -5.65 5.01 -5.38
CA TYR A 53 -5.54 5.27 -3.96
C TYR A 53 -4.08 5.42 -3.52
N LYS A 54 -3.14 4.74 -4.17
CA LYS A 54 -1.74 4.90 -3.79
C LYS A 54 -1.29 6.34 -4.02
N ASN A 55 -1.74 6.96 -5.11
CA ASN A 55 -1.34 8.32 -5.39
C ASN A 55 -2.03 9.30 -4.45
N VAL A 56 -3.31 9.07 -4.14
CA VAL A 56 -3.99 9.93 -3.18
C VAL A 56 -3.32 9.85 -1.83
N VAL A 57 -3.17 8.64 -1.28
CA VAL A 57 -2.61 8.50 0.05
C VAL A 57 -1.14 8.90 0.04
N GLY A 58 -0.45 8.70 -1.09
CA GLY A 58 0.95 9.07 -1.15
C GLY A 58 1.16 10.56 -1.00
N GLY A 59 0.29 11.35 -1.61
CA GLY A 59 0.39 12.78 -1.42
C GLY A 59 0.09 13.17 0.01
N GLN A 60 -0.89 12.50 0.63
CA GLN A 60 -1.23 12.79 2.00
C GLN A 60 -0.10 12.43 2.95
N ARG A 61 0.53 11.28 2.72
CA ARG A 61 1.66 10.85 3.54
C ARG A 61 2.81 11.84 3.42
N ALA A 62 3.12 12.27 2.20
CA ALA A 62 4.18 13.23 2.02
C ALA A 62 3.87 14.53 2.76
N ALA A 63 2.63 15.00 2.67
CA ALA A 63 2.24 16.24 3.35
C ALA A 63 2.31 16.07 4.86
N TRP A 64 1.80 14.94 5.36
CA TRP A 64 1.83 14.68 6.80
C TRP A 64 3.25 14.67 7.32
N ARG A 65 4.17 14.07 6.57
CA ARG A 65 5.56 14.05 7.01
C ARG A 65 6.15 15.45 7.09
N VAL A 66 5.84 16.31 6.13
CA VAL A 66 6.35 17.68 6.18
C VAL A 66 5.83 18.38 7.42
N LEU A 67 4.53 18.25 7.68
CA LEU A 67 3.91 18.95 8.79
C LEU A 67 4.34 18.38 10.13
N SER A 68 4.48 17.06 10.22
CA SER A 68 4.95 16.43 11.46
C SER A 68 6.36 16.90 11.81
N SER A 69 7.22 17.06 10.79
CA SER A 69 8.57 17.55 11.05
C SER A 69 8.57 18.98 11.53
N ILE A 70 7.74 19.84 10.94
CA ILE A 70 7.61 21.22 11.42
C ILE A 70 7.12 21.23 12.86
N GLU A 71 6.16 20.37 13.17
CA GLU A 71 5.57 20.31 14.50
C GLU A 71 6.61 19.86 15.51
N GLN A 72 7.39 18.85 15.16
CA GLN A 72 8.43 18.34 16.06
C GLN A 72 9.46 19.44 16.34
N LYS A 73 9.82 20.20 15.31
CA LYS A 73 10.78 21.29 15.50
C LYS A 73 10.17 22.40 16.34
N SER A 74 8.86 22.62 16.21
CA SER A 74 8.18 23.64 17.01
C SER A 74 8.18 23.28 18.49
N ASN A 75 8.26 21.99 18.81
CA ASN A 75 8.15 21.47 20.18
C ASN A 75 9.49 21.18 20.83
N GLU A 76 10.60 21.66 20.25
CA GLU A 76 11.92 21.44 20.82
C GLU A 76 12.24 22.42 21.95
N GLU A 77 13.40 22.22 22.56
CA GLU A 77 13.87 23.06 23.66
C GLU A 77 14.33 24.40 23.10
N GLY A 78 13.77 25.49 23.62
CA GLY A 78 14.12 26.80 23.14
C GLY A 78 13.56 27.14 21.78
N SER A 79 12.35 26.67 21.47
CA SER A 79 11.60 27.04 20.30
C SER A 79 10.46 27.98 20.71
N GLU A 80 10.13 28.93 19.82
CA GLU A 80 9.07 29.88 20.14
C GLU A 80 7.69 29.24 20.06
N GLU A 81 6.86 29.46 21.07
CA GLU A 81 5.46 29.09 21.00
C GLU A 81 4.80 29.83 19.85
N LYS A 82 4.34 29.07 18.86
CA LYS A 82 3.70 29.62 17.66
C LYS A 82 2.20 29.38 17.66
N GLY A 83 1.64 28.84 18.75
CA GLY A 83 0.22 28.59 18.84
C GLY A 83 -0.18 27.22 18.34
N PRO A 84 -1.47 27.01 18.23
CA PRO A 84 -2.02 25.67 17.89
C PRO A 84 -2.07 25.35 16.42
N GLU A 85 -1.64 26.25 15.55
CA GLU A 85 -1.93 26.11 14.13
C GLU A 85 -1.20 24.93 13.48
N VAL A 86 0.08 24.71 13.80
CA VAL A 86 0.77 23.58 13.17
C VAL A 86 0.11 22.26 13.55
N ARG A 87 -0.19 22.08 14.82
CA ARG A 87 -0.86 20.87 15.27
C ARG A 87 -2.21 20.73 14.61
N GLU A 88 -2.99 21.81 14.59
CA GLU A 88 -4.32 21.76 13.97
C GLU A 88 -4.22 21.29 12.53
N TYR A 89 -3.29 21.85 11.77
CA TYR A 89 -3.23 21.55 10.35
C TYR A 89 -2.67 20.15 10.11
N ARG A 90 -1.67 19.74 10.91
CA ARG A 90 -1.21 18.37 10.85
C ARG A 90 -2.35 17.41 11.16
N GLU A 91 -3.18 17.73 12.16
CA GLU A 91 -4.35 16.91 12.48
C GLU A 91 -5.35 16.87 11.33
N LYS A 92 -5.55 18.00 10.65
CA LYS A 92 -6.48 18.01 9.53
C LYS A 92 -6.03 17.06 8.43
N VAL A 93 -4.76 17.16 8.05
CA VAL A 93 -4.22 16.27 7.04
C VAL A 93 -4.27 14.81 7.49
N GLU A 94 -3.91 14.57 8.74
CA GLU A 94 -3.94 13.23 9.32
C GLU A 94 -5.34 12.63 9.24
N THR A 95 -6.34 13.41 9.59
CA THR A 95 -7.71 12.92 9.58
C THR A 95 -8.16 12.59 8.15
N GLU A 96 -7.76 13.40 7.18
CA GLU A 96 -8.08 13.09 5.79
C GLU A 96 -7.39 11.82 5.34
N LEU A 97 -6.13 11.65 5.69
CA LEU A 97 -5.40 10.42 5.39
C LEU A 97 -6.07 9.20 6.01
N GLN A 98 -6.44 9.28 7.29
CA GLN A 98 -7.13 8.18 7.94
C GLN A 98 -8.44 7.87 7.23
N GLY A 99 -9.14 8.91 6.76
CA GLY A 99 -10.38 8.68 6.07
C GLY A 99 -10.20 7.92 4.77
N VAL A 100 -9.14 8.25 4.02
CA VAL A 100 -8.83 7.53 2.80
C VAL A 100 -8.49 6.07 3.11
N CYS A 101 -7.67 5.85 4.13
CA CYS A 101 -7.33 4.49 4.52
C CYS A 101 -8.58 3.72 4.93
N ASP A 102 -9.46 4.36 5.72
CA ASP A 102 -10.67 3.69 6.14
C ASP A 102 -11.55 3.36 4.93
N THR A 103 -11.58 4.24 3.95
CA THR A 103 -12.38 3.97 2.75
C THR A 103 -11.86 2.74 2.01
N VAL A 104 -10.54 2.68 1.81
CA VAL A 104 -9.96 1.52 1.12
C VAL A 104 -10.22 0.25 1.90
N LEU A 105 -9.94 0.27 3.21
CA LEU A 105 -10.18 -0.91 4.02
C LEU A 105 -11.64 -1.32 3.96
N GLY A 106 -12.55 -0.36 3.90
CA GLY A 106 -13.96 -0.69 3.79
C GLY A 106 -14.33 -1.39 2.49
N LEU A 107 -13.73 -0.94 1.37
CA LEU A 107 -13.96 -1.62 0.10
C LEU A 107 -13.41 -3.05 0.15
N LEU A 108 -12.24 -3.24 0.75
CA LEU A 108 -11.66 -4.56 0.86
C LEU A 108 -12.53 -5.47 1.73
N ASP A 109 -13.09 -4.94 2.82
CA ASP A 109 -13.95 -5.72 3.71
C ASP A 109 -15.36 -5.91 3.17
N SER A 110 -15.80 -5.09 2.19
CA SER A 110 -17.17 -5.09 1.74
C SER A 110 -17.19 -4.88 0.22
N HIS A 111 -16.86 -5.92 -0.56
CA HIS A 111 -16.67 -7.32 -0.13
C HIS A 111 -15.56 -7.94 -0.97
N LEU A 112 -14.55 -7.14 -1.31
CA LEU A 112 -13.54 -7.61 -2.27
C LEU A 112 -12.82 -8.85 -1.78
N ILE A 113 -12.38 -8.87 -0.52
CA ILE A 113 -11.58 -9.99 -0.05
C ILE A 113 -12.41 -11.27 -0.03
N LYS A 114 -13.61 -11.19 0.53
CA LYS A 114 -14.39 -12.41 0.74
C LYS A 114 -14.81 -13.05 -0.57
N GLU A 115 -14.93 -12.26 -1.65
CA GLU A 115 -15.32 -12.81 -2.95
C GLU A 115 -14.13 -13.23 -3.80
N ALA A 116 -12.90 -12.97 -3.33
CA ALA A 116 -11.66 -13.27 -4.04
C ALA A 116 -11.22 -14.70 -3.68
N GLY A 117 -11.38 -15.62 -4.62
CA GLY A 117 -11.02 -17.00 -4.41
C GLY A 117 -9.72 -17.38 -5.10
N ASP A 118 -9.35 -16.69 -6.18
CA ASP A 118 -8.11 -17.03 -6.82
C ASP A 118 -6.97 -16.42 -6.04
N ALA A 119 -5.83 -17.10 -6.05
CA ALA A 119 -4.71 -16.62 -5.26
C ALA A 119 -4.28 -15.23 -5.70
N GLU A 120 -4.21 -14.98 -7.01
CA GLU A 120 -3.74 -13.68 -7.49
C GLU A 120 -4.62 -12.55 -6.97
N SER A 121 -5.93 -12.74 -6.95
CA SER A 121 -6.83 -11.70 -6.45
C SER A 121 -6.76 -11.58 -4.93
N ARG A 122 -6.81 -12.71 -4.22
CA ARG A 122 -6.88 -12.68 -2.76
C ARG A 122 -5.59 -12.12 -2.19
N VAL A 123 -4.45 -12.55 -2.71
CA VAL A 123 -3.18 -12.00 -2.24
C VAL A 123 -3.09 -10.51 -2.53
N PHE A 124 -3.51 -10.06 -3.71
CA PHE A 124 -3.48 -8.64 -4.04
C PHE A 124 -4.24 -7.85 -2.99
N TYR A 125 -5.44 -8.31 -2.62
CA TYR A 125 -6.29 -7.55 -1.70
C TYR A 125 -5.77 -7.61 -0.28
N LEU A 126 -5.25 -8.77 0.15
CA LEU A 126 -4.68 -8.88 1.48
C LEU A 126 -3.44 -8.02 1.63
N LYS A 127 -2.61 -7.98 0.59
CA LYS A 127 -1.48 -7.05 0.58
C LYS A 127 -1.95 -5.63 0.73
N MET A 128 -2.98 -5.24 -0.01
CA MET A 128 -3.54 -3.89 0.08
C MET A 128 -4.04 -3.61 1.49
N LYS A 129 -4.70 -4.58 2.11
CA LYS A 129 -5.16 -4.41 3.48
C LYS A 129 -3.98 -4.16 4.42
N GLY A 130 -2.91 -4.94 4.29
CA GLY A 130 -1.73 -4.70 5.09
C GLY A 130 -1.16 -3.32 4.85
N ASP A 131 -1.10 -2.89 3.58
CA ASP A 131 -0.55 -1.58 3.23
C ASP A 131 -1.33 -0.45 3.88
N TYR A 132 -2.67 -0.48 3.81
CA TYR A 132 -3.48 0.62 4.32
C TYR A 132 -3.51 0.63 5.85
N TYR A 133 -3.43 -0.54 6.49
CA TYR A 133 -3.18 -0.54 7.93
C TYR A 133 -1.79 0.01 8.24
N ARG A 134 -0.79 -0.30 7.41
CA ARG A 134 0.53 0.25 7.62
C ARG A 134 0.51 1.77 7.53
N TYR A 135 -0.21 2.33 6.55
CA TYR A 135 -0.29 3.78 6.46
C TYR A 135 -1.00 4.36 7.69
N LEU A 136 -2.03 3.68 8.20
CA LEU A 136 -2.62 4.14 9.46
C LEU A 136 -1.61 4.06 10.61
N ALA A 137 -0.77 3.05 10.62
CA ALA A 137 0.21 2.89 11.68
C ALA A 137 1.23 4.02 11.67
N GLU A 138 1.56 4.52 10.48
CA GLU A 138 2.56 5.56 10.35
C GLU A 138 2.17 6.82 11.13
N VAL A 139 0.87 7.07 11.29
CA VAL A 139 0.37 8.27 11.97
C VAL A 139 -0.22 7.97 13.33
N ALA A 140 -0.22 6.72 13.76
CA ALA A 140 -0.86 6.33 14.99
C ALA A 140 0.12 6.47 16.15
N THR A 141 -0.44 6.58 17.35
CA THR A 141 0.34 6.62 18.58
C THR A 141 -0.21 5.62 19.59
N GLY A 142 0.65 5.20 20.51
CA GLY A 142 0.21 4.48 21.71
C GLY A 142 -0.36 3.09 21.47
N ASP A 143 -1.39 2.75 22.27
CA ASP A 143 -2.04 1.45 22.19
C ASP A 143 -2.88 1.32 20.93
N ASP A 144 -3.47 2.41 20.44
CA ASP A 144 -4.09 2.40 19.14
C ASP A 144 -3.10 1.91 18.10
N LYS A 145 -1.86 2.42 18.17
CA LYS A 145 -0.83 1.97 17.26
C LYS A 145 -0.64 0.46 17.36
N LYS A 146 -0.71 -0.10 18.57
CA LYS A 146 -0.47 -1.53 18.72
C LYS A 146 -1.48 -2.36 17.94
N ARG A 147 -2.77 -2.05 18.09
CA ARG A 147 -3.80 -2.83 17.41
C ARG A 147 -3.72 -2.66 15.89
N ILE A 148 -3.43 -1.44 15.43
CA ILE A 148 -3.31 -1.21 14.00
C ILE A 148 -2.13 -1.99 13.43
N ILE A 149 -1.01 -1.99 14.13
CA ILE A 149 0.15 -2.76 13.71
C ILE A 149 -0.20 -4.24 13.61
N ASP A 150 -0.92 -4.76 14.61
CA ASP A 150 -1.30 -6.16 14.57
C ASP A 150 -2.20 -6.45 13.37
N SER A 151 -3.11 -5.54 13.04
CA SER A 151 -3.98 -5.75 11.89
C SER A 151 -3.19 -5.79 10.59
N ALA A 152 -2.21 -4.88 10.44
CA ALA A 152 -1.35 -4.91 9.27
C ALA A 152 -0.61 -6.23 9.20
N ARG A 153 -0.02 -6.64 10.32
CA ARG A 153 0.75 -7.88 10.35
C ARG A 153 -0.10 -9.08 9.96
N SER A 154 -1.31 -9.15 10.50
CA SER A 154 -2.19 -10.28 10.23
C SER A 154 -2.56 -10.37 8.75
N ALA A 155 -2.88 -9.24 8.13
CA ALA A 155 -3.21 -9.24 6.71
C ALA A 155 -2.01 -9.65 5.86
N TYR A 156 -0.86 -9.06 6.12
CA TYR A 156 0.33 -9.45 5.38
C TYR A 156 0.65 -10.93 5.57
N GLN A 157 0.48 -11.45 6.78
CA GLN A 157 0.85 -12.84 7.05
C GLN A 157 -0.07 -13.78 6.28
N GLU A 158 -1.38 -13.49 6.27
CA GLU A 158 -2.28 -14.32 5.48
C GLU A 158 -1.90 -14.29 4.01
N ALA A 159 -1.59 -13.11 3.49
CA ALA A 159 -1.18 -12.99 2.10
C ALA A 159 0.11 -13.78 1.83
N MET A 160 1.07 -13.72 2.77
CA MET A 160 2.31 -14.47 2.64
C MET A 160 2.04 -15.96 2.55
N ASP A 161 1.17 -16.45 3.44
CA ASP A 161 0.91 -17.88 3.49
C ASP A 161 0.31 -18.36 2.17
N ILE A 162 -0.68 -17.63 1.64
CA ILE A 162 -1.28 -18.01 0.37
C ILE A 162 -0.25 -17.94 -0.75
N SER A 163 0.53 -16.85 -0.78
CA SER A 163 1.43 -16.65 -1.89
C SER A 163 2.50 -17.73 -1.95
N LYS A 164 2.95 -18.19 -0.79
CA LYS A 164 3.99 -19.23 -0.76
C LYS A 164 3.44 -20.57 -1.23
N LYS A 165 2.14 -20.82 -1.00
CA LYS A 165 1.54 -22.08 -1.41
C LYS A 165 1.12 -22.06 -2.87
N GLU A 166 0.73 -20.90 -3.40
CA GLU A 166 0.00 -20.85 -4.66
C GLU A 166 0.68 -20.09 -5.79
N MET A 167 1.77 -19.38 -5.55
CA MET A 167 2.43 -18.61 -6.59
C MET A 167 3.92 -18.94 -6.64
N PRO A 168 4.53 -18.85 -7.83
CA PRO A 168 5.99 -19.02 -7.92
C PRO A 168 6.71 -17.87 -7.24
N PRO A 169 7.96 -18.08 -6.85
CA PRO A 169 8.70 -17.05 -6.10
C PRO A 169 9.00 -15.78 -6.90
N THR A 170 8.81 -15.81 -8.22
CA THR A 170 9.03 -14.64 -9.05
C THR A 170 7.75 -13.86 -9.35
N ASN A 171 6.59 -14.34 -8.90
CA ASN A 171 5.34 -13.68 -9.22
C ASN A 171 5.41 -12.23 -8.69
N PRO A 172 5.11 -11.24 -9.51
CA PRO A 172 5.32 -9.86 -9.02
C PRO A 172 4.44 -9.46 -7.84
N ILE A 173 3.24 -10.02 -7.73
CA ILE A 173 2.40 -9.72 -6.58
C ILE A 173 3.04 -10.32 -5.33
N ARG A 174 3.50 -11.57 -5.42
CA ARG A 174 4.21 -12.19 -4.30
C ARG A 174 5.45 -11.37 -3.91
N LEU A 175 6.22 -10.92 -4.92
CA LEU A 175 7.41 -10.14 -4.63
C LEU A 175 7.08 -8.81 -4.00
N GLY A 176 6.07 -8.11 -4.53
CA GLY A 176 5.73 -6.81 -3.97
C GLY A 176 5.16 -6.92 -2.57
N LEU A 177 4.41 -7.99 -2.32
CA LEU A 177 3.96 -8.27 -0.96
C LEU A 177 5.13 -8.43 -0.02
N ALA A 178 6.10 -9.26 -0.39
CA ALA A 178 7.26 -9.49 0.48
C ALA A 178 8.05 -8.21 0.67
N LEU A 179 8.21 -7.42 -0.39
CA LEU A 179 8.86 -6.12 -0.25
C LEU A 179 8.14 -5.25 0.78
N ASN A 180 6.83 -5.14 0.65
CA ASN A 180 6.07 -4.28 1.55
C ASN A 180 6.05 -4.81 2.98
N PHE A 181 5.98 -6.13 3.15
CA PHE A 181 6.02 -6.70 4.49
C PHE A 181 7.39 -6.46 5.13
N SER A 182 8.46 -6.53 4.32
CA SER A 182 9.78 -6.20 4.84
C SER A 182 9.85 -4.73 5.27
N VAL A 183 9.22 -3.83 4.52
CA VAL A 183 9.16 -2.42 4.92
C VAL A 183 8.40 -2.29 6.23
N PHE A 184 7.27 -2.99 6.36
CA PHE A 184 6.53 -3.03 7.62
C PHE A 184 7.44 -3.44 8.77
N HIS A 185 8.20 -4.51 8.60
CA HIS A 185 9.04 -4.97 9.71
C HIS A 185 10.06 -3.91 10.10
N TYR A 186 10.67 -3.26 9.10
CA TYR A 186 11.76 -2.31 9.37
C TYR A 186 11.25 -0.98 9.91
N GLU A 187 10.23 -0.44 9.26
CA GLU A 187 9.79 0.92 9.50
C GLU A 187 8.70 1.04 10.56
N ILE A 188 7.91 -0.02 10.79
CA ILE A 188 6.74 0.02 11.66
C ILE A 188 6.93 -0.83 12.91
N ALA A 189 7.38 -2.08 12.71
CA ALA A 189 7.34 -3.09 13.76
C ALA A 189 8.64 -3.14 14.54
N ASN A 190 9.60 -2.30 14.21
CA ASN A 190 10.89 -2.27 14.92
C ASN A 190 11.56 -3.64 14.93
N SER A 191 11.49 -4.30 13.77
CA SER A 191 12.06 -5.64 13.59
C SER A 191 13.01 -5.63 12.39
N PRO A 192 14.10 -4.88 12.48
CA PRO A 192 14.96 -4.77 11.29
C PRO A 192 15.58 -6.08 10.85
N GLU A 193 15.91 -6.96 11.79
CA GLU A 193 16.46 -8.26 11.41
C GLU A 193 15.45 -9.12 10.66
N GLU A 194 14.17 -9.07 11.05
CA GLU A 194 13.14 -9.76 10.28
C GLU A 194 13.03 -9.18 8.87
N ALA A 195 13.09 -7.86 8.77
CA ALA A 195 13.03 -7.19 7.48
C ALA A 195 14.15 -7.64 6.57
N ILE A 196 15.38 -7.65 7.09
CA ILE A 196 16.55 -8.05 6.33
C ILE A 196 16.44 -9.52 5.92
N SER A 197 16.06 -10.39 6.85
CA SER A 197 15.93 -11.82 6.52
C SER A 197 14.91 -12.03 5.42
N LEU A 198 13.73 -11.40 5.55
CA LEU A 198 12.69 -11.57 4.55
C LEU A 198 13.15 -11.06 3.19
N ALA A 199 13.77 -9.90 3.16
CA ALA A 199 14.23 -9.36 1.88
C ALA A 199 15.27 -10.28 1.23
N LYS A 200 16.21 -10.79 2.02
CA LYS A 200 17.25 -11.67 1.47
C LYS A 200 16.67 -12.97 0.93
N THR A 201 15.86 -13.64 1.74
CA THR A 201 15.26 -14.90 1.31
C THR A 201 14.40 -14.69 0.07
N THR A 202 13.60 -13.61 0.05
CA THR A 202 12.77 -13.34 -1.11
C THR A 202 13.62 -13.13 -2.36
N PHE A 203 14.67 -12.31 -2.24
CA PHE A 203 15.54 -12.04 -3.37
C PHE A 203 16.16 -13.32 -3.90
N ASP A 204 16.68 -14.16 -3.00
CA ASP A 204 17.44 -15.33 -3.44
C ASP A 204 16.50 -16.37 -4.05
N GLU A 205 15.29 -16.51 -3.54
CA GLU A 205 14.37 -17.51 -4.10
C GLU A 205 13.85 -17.05 -5.45
N ALA A 206 13.70 -15.74 -5.64
CA ALA A 206 13.35 -15.22 -6.95
C ALA A 206 14.49 -15.39 -7.95
N MET A 207 15.72 -15.07 -7.53
CA MET A 207 16.87 -15.22 -8.42
C MET A 207 16.92 -16.63 -9.00
N ALA A 208 16.66 -17.63 -8.17
CA ALA A 208 16.73 -19.01 -8.59
C ALA A 208 15.61 -19.43 -9.55
N ASP A 209 14.54 -18.64 -9.68
CA ASP A 209 13.40 -18.98 -10.54
C ASP A 209 13.37 -18.09 -11.78
N LEU A 210 14.30 -17.15 -11.93
CA LEU A 210 14.29 -16.26 -13.08
C LEU A 210 14.45 -17.04 -14.39
N HIS A 211 15.15 -18.18 -14.37
CA HIS A 211 15.40 -18.93 -15.61
C HIS A 211 14.11 -19.43 -16.24
N THR A 212 12.99 -19.44 -15.50
CA THR A 212 11.72 -19.94 -16.01
C THR A 212 10.92 -18.88 -16.76
N LEU A 213 11.36 -17.63 -16.75
CA LEU A 213 10.53 -16.51 -17.17
C LEU A 213 10.82 -16.05 -18.58
N SER A 214 9.76 -15.55 -19.24
CA SER A 214 9.88 -14.84 -20.48
C SER A 214 10.52 -13.48 -20.25
N GLU A 215 10.92 -12.81 -21.34
CA GLU A 215 11.55 -11.49 -21.21
C GLU A 215 10.68 -10.51 -20.43
N ASP A 216 9.40 -10.42 -20.78
CA ASP A 216 8.52 -9.47 -20.10
C ASP A 216 8.32 -9.81 -18.62
N SER A 217 8.12 -11.07 -18.29
CA SER A 217 7.99 -11.45 -16.88
C SER A 217 9.29 -11.19 -16.14
N TYR A 218 10.41 -11.47 -16.79
CA TYR A 218 11.71 -11.20 -16.20
C TYR A 218 11.88 -9.73 -15.84
N LYS A 219 11.46 -8.83 -16.73
CA LYS A 219 11.58 -7.40 -16.44
C LYS A 219 10.84 -7.01 -15.17
N ASP A 220 9.62 -7.49 -14.99
CA ASP A 220 8.84 -7.12 -13.82
C ASP A 220 9.45 -7.69 -12.55
N SER A 221 9.82 -8.98 -12.58
CA SER A 221 10.37 -9.60 -11.38
C SER A 221 11.68 -8.95 -10.98
N THR A 222 12.57 -8.68 -11.95
CA THR A 222 13.87 -8.10 -11.60
C THR A 222 13.73 -6.68 -11.10
N LEU A 223 12.74 -5.93 -11.57
CA LEU A 223 12.54 -4.59 -11.03
C LEU A 223 12.27 -4.63 -9.53
N ILE A 224 11.38 -5.52 -9.10
CA ILE A 224 11.10 -5.59 -7.67
C ILE A 224 12.29 -6.15 -6.89
N MET A 225 13.01 -7.11 -7.48
CA MET A 225 14.21 -7.61 -6.83
C MET A 225 15.21 -6.49 -6.60
N GLN A 226 15.33 -5.56 -7.54
CA GLN A 226 16.23 -4.43 -7.34
C GLN A 226 15.81 -3.57 -6.15
N LEU A 227 14.51 -3.42 -5.93
CA LEU A 227 14.05 -2.67 -4.77
C LEU A 227 14.36 -3.40 -3.46
N LEU A 228 14.25 -4.73 -3.45
CA LEU A 228 14.71 -5.48 -2.30
C LEU A 228 16.19 -5.24 -2.03
N ARG A 229 17.00 -5.28 -3.08
CA ARG A 229 18.44 -5.04 -2.93
C ARG A 229 18.71 -3.62 -2.47
N ASP A 230 17.97 -2.65 -3.02
CA ASP A 230 18.15 -1.26 -2.58
C ASP A 230 17.92 -1.14 -1.08
N ASN A 231 16.83 -1.76 -0.58
CA ASN A 231 16.56 -1.69 0.84
C ASN A 231 17.63 -2.41 1.64
N LEU A 232 18.07 -3.58 1.17
CA LEU A 232 19.13 -4.27 1.90
C LEU A 232 20.38 -3.41 2.04
N THR A 233 20.72 -2.67 0.97
CA THR A 233 21.85 -1.76 1.03
C THR A 233 21.61 -0.64 2.02
N LEU A 234 20.39 -0.13 2.10
CA LEU A 234 20.08 0.93 3.06
C LEU A 234 20.13 0.42 4.49
N TRP A 235 19.75 -0.85 4.70
CA TRP A 235 19.56 -1.42 6.01
C TRP A 235 20.81 -2.06 6.59
N THR A 236 21.85 -2.27 5.79
CA THR A 236 23.03 -2.98 6.21
C THR A 236 24.27 -2.18 5.84
N ARG B 1 14.28 6.74 4.08
CA ARG B 1 13.13 5.86 4.17
C ARG B 1 13.15 4.69 3.21
N SER B 2 12.68 3.55 3.68
CA SER B 2 12.68 2.33 2.87
C SER B 2 11.74 2.47 1.67
N THR B 3 12.07 1.75 0.61
CA THR B 3 11.26 1.78 -0.59
C THR B 3 10.22 0.67 -0.63
N SEP B 4 8.96 1.00 -0.87
CA SEP B 4 7.91 0.00 -1.01
CB SEP B 4 6.68 0.37 -0.20
OG SEP B 4 6.23 1.65 -0.62
C SEP B 4 7.58 -0.17 -2.49
O SEP B 4 8.18 0.45 -3.37
P SEP B 4 5.05 2.29 0.26
O1P SEP B 4 4.70 3.59 -0.56
O2P SEP B 4 3.83 1.29 0.25
O3P SEP B 4 5.61 2.59 1.71
N THR B 5 6.61 -1.04 -2.79
CA THR B 5 6.29 -1.37 -4.17
C THR B 5 5.77 -0.13 -4.88
N PRO B 6 6.32 0.19 -6.05
CA PRO B 6 5.84 1.35 -6.82
C PRO B 6 4.60 1.01 -7.63
N ASN B 7 3.91 2.06 -8.08
CA ASN B 7 2.64 1.92 -8.80
C ASN B 7 2.93 1.41 -10.21
N VAL B 8 1.91 1.17 -10.99
CA VAL B 8 2.31 0.59 -12.29
C VAL B 8 3.48 1.10 -13.15
CL CL C . -6.61 23.38 10.07
MG MG D . -5.29 12.56 15.12
MG MG E . 12.92 33.41 21.55
MG MG F . -25.10 -1.48 -15.83
C15 O6C G . -2.65 -5.91 -11.41
C16 O6C G . -2.86 -7.29 -10.81
C13 O6C G . 1.15 -5.30 -11.69
C17 O6C G . 2.44 -5.59 -10.98
C11 O6C G . 2.51 -3.25 -12.75
C10 O6C G . 4.58 -2.93 -11.39
C2 O6C G . 5.67 -3.51 -10.52
C1 O6C G . 6.71 -4.23 -11.38
C6 O6C G . 2.95 -5.70 -7.05
C5 O6C G . 4.05 -5.63 -7.89
C4 O6C G . 4.23 -4.53 -8.71
C3 O6C G . 6.30 -2.43 -9.66
C14 O6C G . -0.26 -5.28 -11.10
C8 O6C G . 2.21 -3.56 -7.84
C7 O6C G . 2.05 -4.66 -7.04
C18 O6C G . 3.60 -5.19 -11.90
C12 O6C G . 1.19 -3.83 -12.23
C9 O6C G . 3.31 -3.49 -8.69
N1 O6C G . 3.64 -3.72 -11.96
N2 O6C G . -1.28 -5.68 -11.85
O1 O6C G . 5.31 -4.53 -9.54
O2 O6C G . 4.53 -1.71 -11.52
O3 O6C G . -0.43 -4.92 -9.93
S1 O6C G . -2.64 -8.62 -12.02
CL1 O6C G . 0.66 -4.73 -6.00
H17 O6C G . -3.25 -5.81 -12.18
H18 O6C G . -2.89 -5.24 -10.75
H20 O6C G . -2.21 -7.42 -10.08
H19 O6C G . -3.76 -7.34 -10.43
H15 O6C G . 1.17 -6.12 -12.24
H23 O6C G . 2.50 -6.55 -10.76
H22 O6C G . 2.48 -5.09 -10.14
H12 O6C G . 2.47 -2.27 -12.71
H11 O6C G . 2.64 -3.51 -13.69
H2 O6C G . 6.27 -4.87 -11.97
H1 O6C G . 7.34 -4.70 -10.79
H3 O6C G . 7.20 -3.58 -11.91
H8 O6C G . 2.82 -6.45 -6.50
H7 O6C G . 4.67 -6.34 -7.91
H6 O6C G . 6.75 -1.78 -10.23
H5 O6C G . 6.95 -2.83 -9.05
H4 O6C G . 5.61 -1.98 -9.13
H9 O6C G . 1.59 -2.86 -7.82
H24 O6C G . 4.44 -5.53 -11.54
H25 O6C G . 3.46 -5.56 -12.79
H13 O6C G . 0.54 -3.77 -12.96
H14 O6C G . 0.87 -3.25 -11.50
H10 O6C G . 3.42 -2.75 -9.25
H16 O6C G . -1.12 -5.82 -12.72
#